data_1RTG
#
_entry.id   1RTG
#
_cell.length_a   55.780
_cell.length_b   58.850
_cell.length_c   93.140
_cell.angle_alpha   90.00
_cell.angle_beta   90.00
_cell.angle_gamma   90.00
#
_symmetry.space_group_name_H-M   'P 21 21 21'
#
loop_
_entity.id
_entity.type
_entity.pdbx_description
1 polymer 'HUMAN GELATINASE A'
2 non-polymer 'CHLORIDE ION'
3 non-polymer 'CALCIUM ION'
4 water water
#
_entity_poly.entity_id   1
_entity_poly.type   'polypeptide(L)'
_entity_poly.pdbx_seq_one_letter_code
;IDLGTGPTPTLGPVTPEICKQDIVFDGIAQIRGEIFFFKDRFIWRTVTPRDKPMGPLLVATFWPELPEKIDAVYEAPQEE
KAVFFAGNEYWIYSASTLERGYPKPLTSLGLPPDVQRVDAAFNWSKNKKTYIFAGDKFWRYNEVKKKMDPGFPKLIADAW
NAIPDNLDAVVDLQGGGHSYFFKGAYYLKLENQSLKSVKFGSIKSDWLGC
;
_entity_poly.pdbx_strand_id   A
#
loop_
_chem_comp.id
_chem_comp.type
_chem_comp.name
_chem_comp.formula
CA non-polymer 'CALCIUM ION' 'Ca 2'
CL non-polymer 'CHLORIDE ION' 'Cl -1'
#
# COMPACT_ATOMS: atom_id res chain seq x y z
N THR A 8 2.26 25.16 -19.17
CA THR A 8 2.40 24.15 -18.12
C THR A 8 1.83 22.74 -18.35
N PRO A 9 0.73 22.58 -19.13
CA PRO A 9 0.21 21.22 -19.33
C PRO A 9 1.33 20.33 -19.88
N THR A 10 1.44 19.12 -19.36
CA THR A 10 2.49 18.19 -19.80
C THR A 10 1.91 16.89 -20.30
N LEU A 11 2.73 16.10 -20.99
CA LEU A 11 2.31 14.80 -21.49
C LEU A 11 2.56 13.75 -20.41
N GLY A 12 1.79 12.66 -20.40
CA GLY A 12 1.98 11.61 -19.41
C GLY A 12 3.41 11.05 -19.46
N PRO A 13 3.77 10.13 -18.57
CA PRO A 13 5.11 9.55 -18.53
C PRO A 13 5.33 8.43 -19.54
N VAL A 14 6.60 8.05 -19.71
CA VAL A 14 6.96 6.96 -20.60
C VAL A 14 6.98 5.70 -19.73
N THR A 15 6.86 4.54 -20.38
CA THR A 15 6.88 3.25 -19.69
C THR A 15 8.26 3.04 -19.05
N PRO A 16 8.32 2.75 -17.74
CA PRO A 16 9.54 2.52 -16.97
C PRO A 16 10.10 1.10 -17.08
N GLU A 17 11.42 0.97 -16.96
CA GLU A 17 12.12 -0.31 -16.99
C GLU A 17 12.54 -0.60 -15.56
N ILE A 18 11.86 -1.56 -14.92
CA ILE A 18 12.09 -1.86 -13.51
C ILE A 18 13.48 -1.98 -12.95
N CYS A 19 14.37 -2.68 -13.64
CA CYS A 19 15.70 -2.85 -13.09
C CYS A 19 16.74 -1.87 -13.60
N LYS A 20 16.51 -1.36 -14.82
CA LYS A 20 17.44 -0.41 -15.45
C LYS A 20 17.41 0.95 -14.79
N GLN A 21 16.22 1.37 -14.37
CA GLN A 21 16.06 2.66 -13.73
C GLN A 21 15.56 2.57 -12.30
N ASP A 22 15.77 3.65 -11.54
CA ASP A 22 15.36 3.72 -10.15
C ASP A 22 13.90 4.14 -10.13
N ILE A 23 13.05 3.25 -9.65
CA ILE A 23 11.65 3.53 -9.60
C ILE A 23 11.21 3.50 -8.15
N VAL A 24 10.48 4.55 -7.75
CA VAL A 24 9.89 4.63 -6.42
C VAL A 24 8.43 4.39 -6.76
N PHE A 25 7.90 3.26 -6.30
CA PHE A 25 6.52 2.90 -6.62
C PHE A 25 5.49 3.70 -5.82
N ASP A 26 4.29 3.84 -6.38
CA ASP A 26 3.21 4.57 -5.73
C ASP A 26 2.52 3.71 -4.66
N GLY A 27 2.58 2.40 -4.82
CA GLY A 27 1.96 1.49 -3.89
C GLY A 27 2.42 0.08 -4.16
N ILE A 28 2.40 -0.76 -3.12
CA ILE A 28 2.79 -2.15 -3.22
C ILE A 28 1.80 -2.91 -2.36
N ALA A 29 1.30 -4.03 -2.85
CA ALA A 29 0.31 -4.83 -2.12
C ALA A 29 0.16 -6.24 -2.67
N GLN A 30 -0.24 -7.15 -1.79
CA GLN A 30 -0.52 -8.54 -2.15
C GLN A 30 -2.03 -8.70 -2.31
N ILE A 31 -2.46 -8.88 -3.55
CA ILE A 31 -3.87 -9.03 -3.89
C ILE A 31 -4.15 -10.44 -4.42
N ARG A 32 -4.92 -11.21 -3.66
CA ARG A 32 -5.26 -12.59 -4.02
C ARG A 32 -4.06 -13.44 -4.42
N GLY A 33 -3.08 -13.52 -3.52
CA GLY A 33 -1.89 -14.31 -3.77
C GLY A 33 -0.71 -13.57 -4.35
N GLU A 34 -0.97 -12.70 -5.32
CA GLU A 34 0.09 -11.95 -6.01
C GLU A 34 0.50 -10.62 -5.42
N ILE A 35 1.76 -10.27 -5.61
CA ILE A 35 2.30 -9.02 -5.14
C ILE A 35 2.26 -8.09 -6.33
N PHE A 36 1.59 -6.94 -6.20
CA PHE A 36 1.50 -5.94 -7.25
C PHE A 36 2.31 -4.66 -6.92
N PHE A 37 3.05 -4.15 -7.92
CA PHE A 37 3.85 -2.93 -7.78
C PHE A 37 3.18 -1.90 -8.70
N PHE A 38 2.75 -0.77 -8.15
CA PHE A 38 2.09 0.25 -8.96
C PHE A 38 2.99 1.46 -9.22
N LYS A 39 2.94 1.95 -10.45
CA LYS A 39 3.71 3.13 -10.86
C LYS A 39 2.93 3.76 -11.99
N ASP A 40 2.25 4.87 -11.71
CA ASP A 40 1.44 5.59 -12.70
C ASP A 40 0.32 4.68 -13.16
N ARG A 41 0.15 4.55 -14.47
CA ARG A 41 -0.89 3.67 -15.01
C ARG A 41 -0.38 2.23 -15.20
N PHE A 42 0.83 1.93 -14.75
CA PHE A 42 1.39 0.60 -14.94
C PHE A 42 1.38 -0.21 -13.67
N ILE A 43 1.54 -1.52 -13.86
CA ILE A 43 1.53 -2.50 -12.79
C ILE A 43 2.48 -3.65 -13.20
N TRP A 44 3.05 -4.36 -12.23
CA TRP A 44 3.94 -5.49 -12.47
C TRP A 44 3.49 -6.47 -11.40
N ARG A 45 3.44 -7.76 -11.70
CA ARG A 45 3.02 -8.73 -10.71
C ARG A 45 3.95 -9.92 -10.64
N THR A 46 4.23 -10.35 -9.42
CA THR A 46 5.07 -11.50 -9.16
C THR A 46 4.31 -12.34 -8.15
N VAL A 47 4.39 -13.66 -8.26
CA VAL A 47 3.62 -14.47 -7.34
C VAL A 47 4.33 -14.85 -6.07
N THR A 48 4.09 -14.01 -5.06
CA THR A 48 4.64 -14.13 -3.70
C THR A 48 6.17 -14.36 -3.55
N PRO A 49 7.01 -13.69 -4.37
CA PRO A 49 8.42 -13.98 -4.12
C PRO A 49 9.37 -12.78 -3.95
N ARG A 50 10.55 -12.95 -4.54
CA ARG A 50 11.65 -12.00 -4.53
C ARG A 50 12.19 -12.00 -5.96
N ASP A 51 11.48 -12.64 -6.88
CA ASP A 51 11.97 -12.73 -8.24
C ASP A 51 11.13 -12.12 -9.35
N LYS A 52 11.85 -11.59 -10.35
CA LYS A 52 11.32 -10.92 -11.53
C LYS A 52 9.82 -10.82 -11.75
N PRO A 53 9.26 -9.61 -11.63
CA PRO A 53 7.84 -9.39 -11.81
C PRO A 53 7.48 -9.42 -13.28
N MET A 54 6.32 -9.98 -13.58
CA MET A 54 5.80 -10.03 -14.93
C MET A 54 5.11 -8.69 -15.11
N GLY A 55 5.41 -8.00 -16.20
CA GLY A 55 4.79 -6.72 -16.46
C GLY A 55 5.66 -6.00 -17.47
N PRO A 56 5.38 -4.73 -17.79
CA PRO A 56 4.27 -3.99 -17.19
C PRO A 56 2.98 -4.25 -17.90
N LEU A 57 1.90 -4.18 -17.14
CA LEU A 57 0.56 -4.32 -17.67
C LEU A 57 -0.03 -2.95 -17.36
N LEU A 58 -1.30 -2.74 -17.65
CA LEU A 58 -1.94 -1.46 -17.34
C LEU A 58 -2.91 -1.70 -16.18
N VAL A 59 -2.98 -0.73 -15.27
CA VAL A 59 -3.87 -0.80 -14.12
C VAL A 59 -5.32 -0.88 -14.63
N ALA A 60 -5.54 -0.33 -15.81
CA ALA A 60 -6.84 -0.33 -16.47
C ALA A 60 -7.32 -1.71 -16.91
N THR A 61 -6.41 -2.66 -17.06
CA THR A 61 -6.80 -4.01 -17.45
C THR A 61 -7.61 -4.68 -16.29
N PHE A 62 -7.28 -4.34 -15.05
CA PHE A 62 -7.95 -4.93 -13.90
C PHE A 62 -8.96 -3.99 -13.22
N TRP A 63 -8.61 -2.71 -13.09
CA TRP A 63 -9.48 -1.73 -12.43
C TRP A 63 -9.57 -0.50 -13.31
N PRO A 64 -10.52 -0.50 -14.23
CA PRO A 64 -10.75 0.60 -15.17
C PRO A 64 -11.23 1.95 -14.65
N GLU A 65 -11.82 2.00 -13.45
CA GLU A 65 -12.34 3.26 -12.91
C GLU A 65 -11.29 4.15 -12.24
N LEU A 66 -10.22 3.56 -11.74
CA LEU A 66 -9.13 4.25 -11.05
C LEU A 66 -8.46 5.39 -11.86
N PRO A 67 -8.08 6.49 -11.18
CA PRO A 67 -7.41 7.60 -11.87
C PRO A 67 -6.04 7.13 -12.35
N GLU A 68 -5.30 7.99 -13.05
CA GLU A 68 -4.01 7.58 -13.58
C GLU A 68 -2.81 7.45 -12.63
N LYS A 69 -3.07 7.45 -11.33
CA LYS A 69 -2.03 7.32 -10.32
C LYS A 69 -2.71 7.13 -8.95
N ILE A 70 -2.25 6.13 -8.19
CA ILE A 70 -2.78 5.86 -6.85
C ILE A 70 -1.73 6.25 -5.79
N ASP A 71 -2.17 6.41 -4.55
CA ASP A 71 -1.28 6.76 -3.45
C ASP A 71 -1.04 5.56 -2.53
N ALA A 72 -2.02 4.69 -2.42
CA ALA A 72 -1.86 3.50 -1.59
C ALA A 72 -2.89 2.45 -1.97
N VAL A 73 -2.61 1.21 -1.58
CA VAL A 73 -3.49 0.08 -1.86
C VAL A 73 -3.21 -1.05 -0.89
N TYR A 74 -4.29 -1.68 -0.43
CA TYR A 74 -4.20 -2.83 0.46
C TYR A 74 -5.41 -3.69 0.20
N GLU A 75 -5.40 -4.88 0.78
CA GLU A 75 -6.52 -5.76 0.62
C GLU A 75 -7.10 -6.09 2.00
N ALA A 76 -8.39 -5.85 2.16
CA ALA A 76 -9.07 -6.12 3.42
C ALA A 76 -9.25 -7.65 3.53
N PRO A 77 -8.77 -8.28 4.61
CA PRO A 77 -8.87 -9.72 4.80
C PRO A 77 -10.29 -10.27 4.96
N GLN A 78 -11.14 -9.55 5.69
CA GLN A 78 -12.51 -10.01 5.91
C GLN A 78 -13.19 -10.59 4.68
N GLU A 79 -13.13 -9.87 3.56
CA GLU A 79 -13.78 -10.37 2.36
C GLU A 79 -12.90 -10.32 1.09
N GLU A 80 -11.59 -10.26 1.28
CA GLU A 80 -10.65 -10.18 0.17
C GLU A 80 -11.09 -9.10 -0.84
N LYS A 81 -11.18 -7.87 -0.36
CA LYS A 81 -11.55 -6.73 -1.19
C LYS A 81 -10.32 -5.86 -1.33
N ALA A 82 -10.21 -5.17 -2.46
CA ALA A 82 -9.07 -4.31 -2.71
C ALA A 82 -9.50 -2.86 -2.43
N VAL A 83 -8.69 -2.15 -1.65
CA VAL A 83 -8.99 -0.76 -1.28
C VAL A 83 -7.96 0.20 -1.87
N PHE A 84 -8.40 1.10 -2.73
CA PHE A 84 -7.47 2.02 -3.39
C PHE A 84 -7.63 3.48 -2.95
N PHE A 85 -6.52 4.12 -2.62
CA PHE A 85 -6.52 5.52 -2.18
C PHE A 85 -5.93 6.38 -3.30
N ALA A 86 -6.55 7.52 -3.56
CA ALA A 86 -6.05 8.40 -4.59
C ALA A 86 -6.58 9.79 -4.31
N GLY A 87 -5.68 10.67 -3.87
CA GLY A 87 -6.07 12.03 -3.51
C GLY A 87 -6.84 11.96 -2.21
N ASN A 88 -7.99 12.62 -2.17
CA ASN A 88 -8.86 12.61 -1.00
C ASN A 88 -10.03 11.64 -1.23
N GLU A 89 -9.79 10.55 -1.95
CA GLU A 89 -10.85 9.57 -2.20
C GLU A 89 -10.34 8.13 -2.17
N TYR A 90 -11.27 7.19 -2.00
CA TYR A 90 -10.95 5.78 -2.02
C TYR A 90 -12.05 4.99 -2.74
N TRP A 91 -11.63 3.93 -3.41
CA TRP A 91 -12.49 3.03 -4.17
C TRP A 91 -12.33 1.66 -3.51
N ILE A 92 -13.38 0.83 -3.55
CA ILE A 92 -13.34 -0.54 -3.00
C ILE A 92 -13.90 -1.49 -4.07
N TYR A 93 -13.11 -2.52 -4.39
CA TYR A 93 -13.46 -3.49 -5.44
C TYR A 93 -13.56 -4.90 -4.93
N SER A 94 -14.43 -5.69 -5.55
CA SER A 94 -14.52 -7.09 -5.18
C SER A 94 -13.35 -7.73 -5.93
N ALA A 95 -13.42 -7.73 -7.26
CA ALA A 95 -12.30 -8.25 -8.04
C ALA A 95 -11.94 -7.08 -8.96
N SER A 96 -12.71 -6.97 -10.04
CA SER A 96 -12.56 -5.89 -11.00
C SER A 96 -13.93 -5.20 -11.00
N THR A 97 -14.74 -5.58 -10.01
CA THR A 97 -16.08 -5.06 -9.82
C THR A 97 -16.12 -3.97 -8.74
N LEU A 98 -16.31 -2.73 -9.18
CA LEU A 98 -16.38 -1.61 -8.25
C LEU A 98 -17.66 -1.73 -7.42
N GLU A 99 -17.52 -1.52 -6.11
CA GLU A 99 -18.65 -1.58 -5.19
C GLU A 99 -19.58 -0.40 -5.34
N ARG A 100 -20.82 -0.58 -4.93
CA ARG A 100 -21.82 0.48 -5.03
C ARG A 100 -21.55 1.63 -4.04
N GLY A 101 -21.52 2.86 -4.57
CA GLY A 101 -21.28 4.03 -3.73
C GLY A 101 -19.85 4.57 -3.63
N TYR A 102 -18.92 4.02 -4.43
CA TYR A 102 -17.51 4.45 -4.44
C TYR A 102 -17.15 5.14 -5.77
N PRO A 103 -16.19 6.10 -5.76
CA PRO A 103 -15.37 6.64 -4.67
C PRO A 103 -16.11 7.40 -3.57
N LYS A 104 -15.56 7.33 -2.37
CA LYS A 104 -16.09 8.02 -1.22
C LYS A 104 -14.97 8.92 -0.68
N PRO A 105 -15.30 10.12 -0.15
CA PRO A 105 -14.26 10.98 0.40
C PRO A 105 -13.62 10.28 1.63
N LEU A 106 -12.32 10.50 1.83
CA LEU A 106 -11.61 9.86 2.94
C LEU A 106 -12.31 9.97 4.29
N THR A 107 -13.12 11.02 4.45
CA THR A 107 -13.83 11.24 5.70
C THR A 107 -14.86 10.16 5.97
N SER A 108 -15.29 9.43 4.93
CA SER A 108 -16.26 8.37 5.16
C SER A 108 -15.62 7.20 5.90
N LEU A 109 -14.30 7.23 6.00
CA LEU A 109 -13.52 6.20 6.66
C LEU A 109 -13.19 6.66 8.11
N GLY A 110 -13.56 7.90 8.43
CA GLY A 110 -13.29 8.43 9.76
C GLY A 110 -12.00 9.24 9.85
N LEU A 111 -11.39 9.56 8.71
CA LEU A 111 -10.17 10.36 8.69
C LEU A 111 -10.61 11.82 8.76
N PRO A 112 -9.80 12.70 9.40
CA PRO A 112 -10.18 14.12 9.51
C PRO A 112 -10.11 14.84 8.15
N PRO A 113 -10.91 15.91 7.97
CA PRO A 113 -10.99 16.72 6.74
C PRO A 113 -9.68 17.27 6.22
N ASP A 114 -8.74 17.47 7.13
CA ASP A 114 -7.43 18.02 6.78
C ASP A 114 -6.54 17.05 6.01
N VAL A 115 -6.72 15.75 6.22
CA VAL A 115 -5.92 14.74 5.54
C VAL A 115 -6.35 14.74 4.09
N GLN A 116 -5.43 15.12 3.20
CA GLN A 116 -5.72 15.20 1.77
C GLN A 116 -5.02 14.17 0.87
N ARG A 117 -4.20 13.33 1.46
CA ARG A 117 -3.45 12.31 0.74
C ARG A 117 -2.95 11.28 1.76
N VAL A 118 -2.94 10.01 1.38
CA VAL A 118 -2.49 8.92 2.22
C VAL A 118 -1.12 8.44 1.69
N ASP A 119 -0.24 7.95 2.57
CA ASP A 119 1.08 7.49 2.16
C ASP A 119 1.17 5.99 1.95
N ALA A 120 0.66 5.25 2.92
CA ALA A 120 0.72 3.81 2.86
C ALA A 120 -0.44 3.20 3.67
N ALA A 121 -0.64 1.91 3.50
CA ALA A 121 -1.73 1.22 4.18
C ALA A 121 -1.59 -0.29 4.05
N PHE A 122 -1.94 -1.00 5.12
CA PHE A 122 -1.93 -2.46 5.11
C PHE A 122 -2.76 -2.97 6.25
N ASN A 123 -3.05 -4.26 6.22
CA ASN A 123 -3.81 -4.91 7.28
C ASN A 123 -2.81 -5.72 8.12
N TRP A 124 -2.75 -5.40 9.41
CA TRP A 124 -1.83 -6.01 10.39
C TRP A 124 -2.38 -7.39 10.71
N SER A 125 -1.70 -8.44 10.25
CA SER A 125 -2.15 -9.82 10.49
C SER A 125 -2.12 -10.23 11.96
N LYS A 126 -1.35 -9.53 12.77
CA LYS A 126 -1.25 -9.84 14.18
C LYS A 126 -2.54 -9.57 14.94
N ASN A 127 -3.41 -8.74 14.39
CA ASN A 127 -4.64 -8.39 15.06
C ASN A 127 -5.75 -8.07 14.07
N LYS A 128 -5.45 -8.26 12.79
CA LYS A 128 -6.39 -8.02 11.68
C LYS A 128 -6.84 -6.57 11.54
N LYS A 129 -6.15 -5.63 12.19
CA LYS A 129 -6.51 -4.21 12.09
C LYS A 129 -5.85 -3.57 10.89
N THR A 130 -6.42 -2.46 10.43
CA THR A 130 -5.85 -1.77 9.29
C THR A 130 -5.15 -0.52 9.73
N TYR A 131 -3.97 -0.25 9.19
CA TYR A 131 -3.18 0.92 9.54
C TYR A 131 -2.99 1.84 8.36
N ILE A 132 -3.44 3.09 8.48
CA ILE A 132 -3.32 4.07 7.42
C ILE A 132 -2.26 5.10 7.83
N PHE A 133 -1.21 5.21 7.03
CA PHE A 133 -0.11 6.13 7.35
C PHE A 133 -0.16 7.36 6.45
N ALA A 134 0.01 8.53 7.07
CA ALA A 134 0.05 9.80 6.36
C ALA A 134 1.03 10.72 7.08
N GLY A 135 2.14 11.05 6.42
CA GLY A 135 3.13 11.91 7.03
C GLY A 135 3.83 11.29 8.23
N ASP A 136 3.71 11.95 9.38
CA ASP A 136 4.34 11.49 10.62
C ASP A 136 3.36 10.86 11.59
N LYS A 137 2.14 10.63 11.13
CA LYS A 137 1.14 10.00 11.97
C LYS A 137 0.37 8.90 11.26
N PHE A 138 -0.26 8.03 12.04
CA PHE A 138 -1.05 6.92 11.49
C PHE A 138 -2.36 6.71 12.23
N TRP A 139 -3.28 5.98 11.58
CA TRP A 139 -4.60 5.68 12.14
C TRP A 139 -4.84 4.17 12.14
N ARG A 140 -5.64 3.70 13.09
CA ARG A 140 -5.96 2.28 13.15
C ARG A 140 -7.45 2.12 12.87
N TYR A 141 -7.76 1.42 11.79
CA TYR A 141 -9.13 1.22 11.33
C TYR A 141 -9.59 -0.21 11.68
N ASN A 142 -10.79 -0.33 12.28
CA ASN A 142 -11.37 -1.63 12.66
C ASN A 142 -12.27 -2.05 11.51
N GLU A 143 -11.79 -3.02 10.75
CA GLU A 143 -12.46 -3.52 9.55
C GLU A 143 -13.79 -4.22 9.78
N VAL A 144 -13.97 -4.74 11.00
CA VAL A 144 -15.19 -5.45 11.39
C VAL A 144 -16.29 -4.47 11.74
N LYS A 145 -16.00 -3.57 12.67
CA LYS A 145 -16.96 -2.56 13.07
C LYS A 145 -17.08 -1.54 11.97
N LYS A 146 -16.14 -1.61 11.02
CA LYS A 146 -16.07 -0.68 9.90
C LYS A 146 -16.05 0.73 10.45
N LYS A 147 -15.08 0.98 11.33
CA LYS A 147 -14.90 2.29 11.97
C LYS A 147 -13.50 2.43 12.55
N MET A 148 -13.10 3.67 12.81
CA MET A 148 -11.80 3.98 13.37
C MET A 148 -11.77 3.71 14.85
N ASP A 149 -10.61 3.28 15.34
CA ASP A 149 -10.43 3.05 16.76
C ASP A 149 -10.18 4.37 17.52
N PRO A 150 -10.34 4.33 18.85
CA PRO A 150 -10.14 5.52 19.70
C PRO A 150 -8.68 5.68 20.13
N GLY A 151 -8.23 6.92 20.18
CA GLY A 151 -6.86 7.17 20.56
C GLY A 151 -5.91 7.39 19.40
N PHE A 152 -6.44 7.79 18.24
CA PHE A 152 -5.63 8.02 17.07
C PHE A 152 -6.02 9.36 16.49
N PRO A 153 -5.18 9.94 15.64
CA PRO A 153 -3.91 9.37 15.21
C PRO A 153 -2.84 9.47 16.26
N LYS A 154 -1.77 8.71 16.04
CA LYS A 154 -0.61 8.70 16.89
C LYS A 154 0.55 8.98 15.94
N LEU A 155 1.69 9.41 16.46
CA LEU A 155 2.84 9.68 15.60
C LEU A 155 3.62 8.39 15.37
N ILE A 156 4.09 8.21 14.15
CA ILE A 156 4.85 7.03 13.73
C ILE A 156 6.07 6.83 14.63
N ALA A 157 6.83 7.91 14.81
CA ALA A 157 8.04 7.97 15.63
C ALA A 157 7.80 7.55 17.07
N ASP A 158 6.62 7.86 17.62
CA ASP A 158 6.31 7.49 19.01
C ASP A 158 5.87 6.04 19.10
N ALA A 159 4.91 5.65 18.29
CA ALA A 159 4.40 4.30 18.35
C ALA A 159 5.20 3.16 17.74
N TRP A 160 5.89 3.39 16.62
CA TRP A 160 6.64 2.31 15.95
C TRP A 160 8.12 2.26 16.29
N ASN A 161 8.75 1.12 16.01
CA ASN A 161 10.16 0.91 16.30
C ASN A 161 11.09 1.13 15.12
N ALA A 162 11.65 2.33 15.01
CA ALA A 162 12.58 2.69 13.95
C ALA A 162 12.01 2.74 12.53
N ILE A 163 10.72 3.05 12.44
CA ILE A 163 10.02 3.17 11.18
C ILE A 163 10.07 4.66 10.82
N PRO A 164 10.49 5.00 9.59
CA PRO A 164 10.56 6.41 9.21
C PRO A 164 9.21 7.03 8.86
N ASP A 165 9.19 8.35 8.82
CA ASP A 165 7.99 9.07 8.44
C ASP A 165 7.99 9.06 6.92
N ASN A 166 6.88 9.47 6.33
CA ASN A 166 6.74 9.53 4.89
C ASN A 166 7.09 8.24 4.16
N LEU A 167 6.44 7.16 4.58
CA LEU A 167 6.64 5.86 4.00
C LEU A 167 6.13 5.85 2.55
N ASP A 168 6.62 4.89 1.74
CA ASP A 168 6.17 4.78 0.36
C ASP A 168 5.14 3.66 0.26
N ALA A 169 5.33 2.63 1.09
CA ALA A 169 4.39 1.50 1.14
C ALA A 169 4.67 0.61 2.33
N VAL A 170 3.74 -0.30 2.59
CA VAL A 170 3.86 -1.27 3.68
C VAL A 170 3.02 -2.52 3.35
N VAL A 171 3.62 -3.68 3.61
CA VAL A 171 2.96 -4.96 3.33
C VAL A 171 3.31 -6.02 4.36
N ASP A 172 2.35 -6.90 4.63
CA ASP A 172 2.52 -8.03 5.54
C ASP A 172 2.18 -9.21 4.65
N LEU A 173 3.19 -10.00 4.27
CA LEU A 173 2.96 -11.15 3.38
C LEU A 173 2.24 -12.28 4.10
N GLN A 174 1.11 -12.73 3.55
CA GLN A 174 0.33 -13.80 4.15
C GLN A 174 1.17 -14.99 4.58
N GLY A 175 2.21 -15.26 3.82
CA GLY A 175 3.09 -16.37 4.16
C GLY A 175 3.51 -16.39 5.63
N GLY A 176 4.63 -15.73 5.95
CA GLY A 176 5.12 -15.77 7.30
C GLY A 176 5.43 -14.54 8.14
N GLY A 177 4.44 -14.17 8.94
CA GLY A 177 4.55 -13.07 9.87
C GLY A 177 5.73 -12.11 9.91
N HIS A 178 5.84 -11.31 8.85
CA HIS A 178 6.85 -10.28 8.72
C HIS A 178 6.25 -9.12 7.96
N SER A 179 6.43 -7.92 8.52
CA SER A 179 5.89 -6.70 7.91
C SER A 179 7.03 -5.97 7.22
N TYR A 180 6.83 -5.60 5.96
CA TYR A 180 7.86 -4.89 5.21
C TYR A 180 7.47 -3.46 5.03
N PHE A 181 8.35 -2.55 5.44
CA PHE A 181 8.12 -1.10 5.30
C PHE A 181 9.07 -0.54 4.24
N PHE A 182 8.50 0.01 3.18
CA PHE A 182 9.27 0.52 2.05
C PHE A 182 9.43 2.02 2.09
N LYS A 183 10.65 2.46 1.83
CA LYS A 183 10.91 3.88 1.78
C LYS A 183 12.13 4.15 0.92
N GLY A 184 11.91 4.82 -0.21
CA GLY A 184 12.98 5.16 -1.11
C GLY A 184 13.45 3.92 -1.81
N ALA A 185 14.75 3.66 -1.75
CA ALA A 185 15.30 2.48 -2.40
C ALA A 185 15.44 1.29 -1.45
N TYR A 186 15.02 1.46 -0.20
CA TYR A 186 15.14 0.42 0.83
C TYR A 186 13.82 -0.02 1.46
N TYR A 187 13.90 -1.13 2.19
CA TYR A 187 12.74 -1.65 2.90
C TYR A 187 13.27 -2.14 4.24
N LEU A 188 12.41 -2.09 5.26
CA LEU A 188 12.74 -2.59 6.59
C LEU A 188 11.86 -3.80 6.78
N LYS A 189 12.39 -4.79 7.48
CA LYS A 189 11.68 -6.01 7.75
C LYS A 189 11.48 -6.13 9.26
N LEU A 190 10.22 -6.09 9.69
CA LEU A 190 9.82 -6.21 11.10
C LEU A 190 9.19 -7.58 11.41
N GLU A 191 9.48 -8.09 12.60
CA GLU A 191 8.92 -9.36 13.01
C GLU A 191 7.64 -9.04 13.75
N ASN A 192 6.53 -9.48 13.20
CA ASN A 192 5.21 -9.21 13.78
C ASN A 192 5.11 -9.36 15.28
N GLN A 193 5.66 -10.46 15.80
CA GLN A 193 5.61 -10.73 17.23
C GLN A 193 6.49 -9.79 18.06
N SER A 194 7.79 -9.84 17.82
CA SER A 194 8.75 -9.02 18.54
C SER A 194 8.71 -7.53 18.23
N LEU A 195 8.41 -7.19 16.97
CA LEU A 195 8.38 -5.82 16.50
C LEU A 195 9.79 -5.28 16.37
N LYS A 196 10.77 -6.17 16.37
CA LYS A 196 12.16 -5.77 16.23
C LYS A 196 12.62 -5.89 14.79
N SER A 197 13.25 -4.82 14.28
CA SER A 197 13.78 -4.78 12.91
C SER A 197 14.82 -5.88 12.67
N VAL A 198 14.40 -6.92 11.95
CA VAL A 198 15.27 -8.06 11.69
C VAL A 198 16.30 -7.81 10.60
N LYS A 199 16.05 -6.85 9.73
CA LYS A 199 16.99 -6.50 8.67
C LYS A 199 16.40 -5.46 7.76
N PHE A 200 17.22 -5.01 6.80
CA PHE A 200 16.80 -4.05 5.80
C PHE A 200 17.50 -4.53 4.56
N GLY A 201 17.03 -4.07 3.41
CA GLY A 201 17.65 -4.49 2.17
C GLY A 201 17.21 -3.62 1.03
N SER A 202 17.58 -4.04 -0.17
CA SER A 202 17.26 -3.33 -1.38
C SER A 202 15.97 -3.82 -2.03
N ILE A 203 15.19 -2.88 -2.56
CA ILE A 203 13.97 -3.25 -3.25
C ILE A 203 14.35 -3.92 -4.55
N LYS A 204 15.31 -3.36 -5.26
CA LYS A 204 15.75 -3.94 -6.53
C LYS A 204 16.25 -5.36 -6.35
N SER A 205 17.16 -5.55 -5.40
CA SER A 205 17.75 -6.86 -5.16
C SER A 205 16.76 -7.88 -4.64
N ASP A 206 16.19 -7.58 -3.47
CA ASP A 206 15.27 -8.47 -2.79
C ASP A 206 13.83 -8.57 -3.24
N TRP A 207 13.33 -7.62 -4.02
CA TRP A 207 11.94 -7.68 -4.46
C TRP A 207 11.68 -7.85 -5.96
N LEU A 208 12.41 -7.08 -6.77
CA LEU A 208 12.27 -7.14 -8.21
C LEU A 208 13.16 -8.23 -8.80
N GLY A 209 14.05 -8.78 -7.99
CA GLY A 209 14.93 -9.81 -8.48
C GLY A 209 15.80 -9.30 -9.62
N CYS A 210 16.25 -8.06 -9.48
CA CYS A 210 17.11 -7.48 -10.51
C CYS A 210 18.43 -8.25 -10.56
CL CL B . 1.01 0.91 0.19
CA CA C . 0.02 -1.91 0.95
CA CA D . 2.50 5.15 -1.42
#